data_8B4X
#
_entry.id   8B4X
#
_cell.length_a   132.049
_cell.length_b   132.049
_cell.length_c   155.492
_cell.angle_alpha   90.000
_cell.angle_beta   90.000
_cell.angle_gamma   120.000
#
_symmetry.space_group_name_H-M   'P 65 2 2'
#
loop_
_entity.id
_entity.type
_entity.pdbx_description
1 polymer Furin
2 polymer Guanidinomethyl-Phac-R-Tle-K-6-(aminomethyl)-3-amino-isoindol
3 non-polymer 'CALCIUM ION'
4 non-polymer 'SODIUM ION'
5 non-polymer 'CHLORIDE ION'
6 non-polymer 'DIMETHYL SULFOXIDE'
7 water water
#
loop_
_entity_poly.entity_id
_entity_poly.type
_entity_poly.pdbx_seq_one_letter_code
_entity_poly.pdbx_strand_id
1 'polypeptide(L)'
;DVYQEPTDPKFPQQWYLSGVTQRDLNVKAAWAQGYTGHGIVVSILDDGIEKNHPDLAGNYDPGASFDVNDQDPDPQPRYT
QMNDNRHGTRCAGEVAAVANNGVCGVGVAYNARIGGVRMLDGEVTDAVEARSLGLNPNHIHIYSASWGPEDDGKTVDGPA
RLAEEAFFRGVSQGRGGLGSIFVWASGNGGREHDSCNCDGYTNSIYTLSISSATQFGNVPWYSEACSSTLATTYSSGNQN
EKQIVTTDLRQKCTESHTGTSASAPLAAGIIALTLEANKNLTWRDMQHLVVQTSKPAHLNANDWATNGVGRKVSHSYGYG
LLDAGAMVALAQNWTTVAPQRKCIIDILTEPKDIGKRLEVRKTVTACLGEPNHITRLEHAQARLTLSYNRRGDLAIHLVS
PMGTRSTLLAARPHDYSADGFNDWAFMTTHSWDEDPSGEWVLEIENTSEANNYGTLTKFTLVLYGTASGSLVPRGSHHHH
;
A
2 'polypeptide(L)' (3U0)R(TBG)K(OZ3) B
#
# COMPACT_ATOMS: atom_id res chain seq x y z
N VAL A 2 -5.44 -17.93 29.43
CA VAL A 2 -4.23 -18.20 28.65
C VAL A 2 -4.62 -18.42 27.19
N TYR A 3 -4.12 -17.56 26.29
CA TYR A 3 -4.56 -17.58 24.90
C TYR A 3 -4.32 -18.97 24.29
N GLN A 4 -5.33 -19.47 23.57
CA GLN A 4 -5.21 -20.73 22.84
C GLN A 4 -5.24 -20.45 21.35
N GLU A 5 -4.17 -20.84 20.65
CA GLU A 5 -4.06 -20.56 19.23
C GLU A 5 -5.06 -21.42 18.45
N PRO A 6 -5.39 -21.02 17.23
CA PRO A 6 -6.40 -21.75 16.46
C PRO A 6 -6.06 -23.20 16.25
N THR A 7 -7.12 -24.02 16.17
CA THR A 7 -7.03 -25.45 15.95
C THR A 7 -7.30 -25.84 14.50
N ASP A 8 -7.51 -24.87 13.62
CA ASP A 8 -7.89 -25.16 12.25
C ASP A 8 -6.86 -26.05 11.57
N PRO A 9 -7.31 -26.92 10.65
CA PRO A 9 -6.41 -27.96 10.12
C PRO A 9 -5.22 -27.42 9.34
N LYS A 10 -5.35 -26.29 8.66
CA LYS A 10 -4.24 -25.72 7.93
C LYS A 10 -3.56 -24.56 8.67
N PHE A 11 -3.95 -24.29 9.92
CA PHE A 11 -3.26 -23.21 10.64
C PHE A 11 -1.77 -23.50 10.79
N PRO A 12 -1.33 -24.74 11.03
CA PRO A 12 0.12 -24.99 11.11
C PRO A 12 0.86 -24.68 9.83
N GLN A 13 0.18 -24.59 8.69
N GLN A 13 0.17 -24.60 8.69
CA GLN A 13 0.81 -24.20 7.44
CA GLN A 13 0.77 -24.21 7.43
C GLN A 13 0.82 -22.70 7.22
C GLN A 13 0.83 -22.70 7.23
N GLN A 14 0.26 -21.91 8.14
CA GLN A 14 0.25 -20.45 8.01
C GLN A 14 1.51 -19.90 8.69
N TRP A 15 2.63 -20.22 8.05
CA TRP A 15 3.96 -19.90 8.56
C TRP A 15 4.14 -18.41 8.81
N TYR A 16 3.43 -17.56 8.05
CA TYR A 16 3.59 -16.12 8.11
C TYR A 16 2.83 -15.50 9.28
N LEU A 17 1.94 -16.24 9.92
CA LEU A 17 1.18 -15.69 11.04
C LEU A 17 1.96 -15.84 12.34
N SER A 18 2.55 -17.00 12.57
CA SER A 18 3.37 -17.21 13.76
C SER A 18 4.38 -18.32 13.48
N GLY A 19 5.45 -18.30 14.28
CA GLY A 19 6.44 -19.35 14.22
C GLY A 19 7.53 -19.11 15.24
N VAL A 20 8.22 -20.21 15.58
CA VAL A 20 9.42 -20.10 16.40
C VAL A 20 10.50 -19.33 15.65
N THR A 21 10.48 -19.37 14.32
CA THR A 21 11.64 -18.94 13.54
C THR A 21 11.84 -17.43 13.51
N GLN A 22 10.82 -16.64 13.83
CA GLN A 22 10.81 -15.16 13.80
C GLN A 22 10.61 -14.61 12.40
N ARG A 23 10.49 -15.45 11.37
CA ARG A 23 10.10 -14.96 10.05
C ARG A 23 8.57 -14.99 9.94
N ASP A 24 7.93 -14.07 10.67
CA ASP A 24 6.47 -13.99 10.62
C ASP A 24 6.00 -12.58 10.94
N LEU A 25 4.68 -12.36 10.82
CA LEU A 25 4.07 -11.05 10.99
C LEU A 25 3.68 -10.75 12.44
N ASN A 26 4.05 -11.63 13.36
CA ASN A 26 3.84 -11.42 14.80
C ASN A 26 2.36 -11.19 15.12
N VAL A 27 1.50 -12.02 14.52
CA VAL A 27 0.06 -11.86 14.68
C VAL A 27 -0.41 -12.55 15.95
N LYS A 28 0.16 -13.71 16.30
CA LYS A 28 -0.27 -14.39 17.52
C LYS A 28 -0.11 -13.48 18.73
N ALA A 29 0.94 -12.65 18.75
CA ALA A 29 1.13 -11.72 19.87
C ALA A 29 -0.04 -10.75 19.99
N ALA A 30 -0.60 -10.29 18.87
CA ALA A 30 -1.77 -9.42 18.95
C ALA A 30 -3.00 -10.19 19.42
N TRP A 31 -3.22 -11.40 18.89
CA TRP A 31 -4.33 -12.23 19.35
C TRP A 31 -4.27 -12.44 20.86
N ALA A 32 -3.08 -12.71 21.39
CA ALA A 32 -2.93 -12.96 22.82
C ALA A 32 -3.17 -11.70 23.65
N GLN A 33 -2.92 -10.51 23.08
CA GLN A 33 -3.30 -9.26 23.75
C GLN A 33 -4.82 -9.03 23.71
N GLY A 34 -5.58 -9.91 23.05
CA GLY A 34 -7.02 -9.81 22.99
C GLY A 34 -7.63 -9.26 21.72
N TYR A 35 -6.83 -9.05 20.67
CA TYR A 35 -7.30 -8.38 19.46
C TYR A 35 -7.37 -9.40 18.32
N THR A 36 -8.58 -9.69 17.87
CA THR A 36 -8.84 -10.62 16.78
C THR A 36 -9.72 -10.01 15.69
N GLY A 37 -10.10 -8.74 15.83
CA GLY A 37 -10.84 -8.03 14.81
C GLY A 37 -12.29 -7.76 15.14
N HIS A 38 -12.75 -8.13 16.34
N HIS A 38 -12.75 -8.15 16.34
CA HIS A 38 -14.15 -7.94 16.67
CA HIS A 38 -14.14 -7.93 16.73
C HIS A 38 -14.54 -6.49 16.46
C HIS A 38 -14.53 -6.48 16.46
N GLY A 39 -15.66 -6.29 15.76
CA GLY A 39 -16.22 -4.97 15.55
C GLY A 39 -15.68 -4.20 14.36
N ILE A 40 -14.68 -4.73 13.67
CA ILE A 40 -14.07 -4.05 12.53
C ILE A 40 -14.62 -4.65 11.25
N VAL A 41 -14.80 -3.81 10.24
CA VAL A 41 -15.41 -4.18 8.97
C VAL A 41 -14.41 -3.92 7.86
N VAL A 42 -14.10 -4.96 7.08
CA VAL A 42 -13.16 -4.88 5.96
C VAL A 42 -13.91 -5.29 4.70
N SER A 43 -13.66 -4.57 3.59
CA SER A 43 -14.22 -4.94 2.30
C SER A 43 -13.13 -5.16 1.26
N ILE A 44 -13.28 -6.25 0.50
CA ILE A 44 -12.37 -6.64 -0.57
C ILE A 44 -12.94 -6.13 -1.90
N LEU A 45 -12.25 -5.18 -2.54
N LEU A 45 -12.25 -5.18 -2.54
CA LEU A 45 -12.69 -4.67 -3.84
CA LEU A 45 -12.68 -4.68 -3.85
C LEU A 45 -12.05 -5.53 -4.93
C LEU A 45 -12.05 -5.53 -4.93
N ASP A 46 -12.83 -6.42 -5.55
CA ASP A 46 -12.26 -7.40 -6.44
C ASP A 46 -13.31 -8.00 -7.37
N ASP A 47 -13.23 -9.31 -7.63
CA ASP A 47 -14.11 -9.97 -8.57
C ASP A 47 -15.29 -10.66 -7.88
N GLY A 48 -15.53 -10.36 -6.61
CA GLY A 48 -16.62 -10.96 -5.86
C GLY A 48 -16.12 -11.69 -4.64
N ILE A 49 -17.07 -12.21 -3.86
CA ILE A 49 -16.75 -12.96 -2.65
C ILE A 49 -17.76 -14.07 -2.49
N GLU A 50 -17.28 -15.29 -2.28
CA GLU A 50 -18.15 -16.46 -2.10
C GLU A 50 -18.70 -16.37 -0.68
N LYS A 51 -19.85 -15.71 -0.54
CA LYS A 51 -20.32 -15.34 0.80
C LYS A 51 -20.78 -16.54 1.61
N ASN A 52 -21.03 -17.67 0.94
CA ASN A 52 -21.44 -18.91 1.57
C ASN A 52 -20.27 -19.86 1.81
N HIS A 53 -19.03 -19.41 1.58
CA HIS A 53 -17.89 -20.27 1.83
C HIS A 53 -17.87 -20.72 3.29
N PRO A 54 -17.64 -22.01 3.56
CA PRO A 54 -17.68 -22.47 4.95
C PRO A 54 -16.69 -21.77 5.87
N ASP A 55 -15.63 -21.13 5.34
CA ASP A 55 -14.73 -20.38 6.20
C ASP A 55 -14.94 -18.87 6.13
N LEU A 56 -15.93 -18.38 5.38
CA LEU A 56 -16.27 -16.97 5.35
C LEU A 56 -17.66 -16.65 5.90
N ALA A 57 -18.60 -17.59 5.83
CA ALA A 57 -20.00 -17.27 6.10
C ALA A 57 -20.19 -16.70 7.50
N GLY A 58 -19.47 -17.25 8.48
CA GLY A 58 -19.63 -16.80 9.85
C GLY A 58 -19.23 -15.35 10.07
N ASN A 59 -18.39 -14.80 9.22
CA ASN A 59 -17.93 -13.42 9.33
C ASN A 59 -18.49 -12.52 8.24
N TYR A 60 -19.28 -13.07 7.32
CA TYR A 60 -19.70 -12.30 6.15
C TYR A 60 -20.63 -11.16 6.56
N ASP A 61 -20.45 -10.01 5.92
CA ASP A 61 -21.22 -8.80 6.21
C ASP A 61 -21.83 -8.25 4.92
N PRO A 62 -23.14 -8.42 4.70
CA PRO A 62 -23.73 -7.82 3.50
C PRO A 62 -23.63 -6.31 3.46
N GLY A 63 -23.55 -5.64 4.60
CA GLY A 63 -23.33 -4.20 4.62
C GLY A 63 -21.96 -3.76 4.15
N ALA A 64 -21.02 -4.69 4.01
CA ALA A 64 -19.69 -4.40 3.50
C ALA A 64 -19.55 -4.82 2.05
N SER A 65 -20.67 -5.09 1.37
CA SER A 65 -20.64 -5.76 0.09
C SER A 65 -21.61 -5.11 -0.88
N PHE A 66 -21.28 -5.24 -2.17
CA PHE A 66 -22.13 -4.79 -3.24
C PHE A 66 -21.60 -5.38 -4.53
N ASP A 67 -22.45 -5.42 -5.54
CA ASP A 67 -22.07 -5.87 -6.88
C ASP A 67 -22.22 -4.66 -7.79
N VAL A 68 -21.10 -3.98 -8.03
CA VAL A 68 -21.10 -2.81 -8.89
C VAL A 68 -21.16 -3.20 -10.35
N ASN A 69 -20.62 -4.37 -10.71
CA ASN A 69 -20.64 -4.80 -12.10
C ASN A 69 -22.06 -5.03 -12.60
N ASP A 70 -22.91 -5.69 -11.80
CA ASP A 70 -24.28 -6.00 -12.19
C ASP A 70 -25.31 -5.12 -11.51
N GLN A 71 -24.87 -4.20 -10.65
CA GLN A 71 -25.74 -3.26 -9.94
C GLN A 71 -26.79 -4.01 -9.11
N ASP A 72 -26.30 -4.77 -8.13
CA ASP A 72 -27.18 -5.45 -7.17
C ASP A 72 -26.40 -5.65 -5.90
N PRO A 73 -27.06 -6.06 -4.81
CA PRO A 73 -26.38 -6.11 -3.51
C PRO A 73 -25.51 -7.33 -3.31
N ASP A 74 -25.60 -8.33 -4.20
CA ASP A 74 -25.06 -9.65 -3.96
C ASP A 74 -23.74 -9.83 -4.69
N PRO A 75 -22.60 -9.90 -3.98
CA PRO A 75 -21.30 -9.94 -4.66
C PRO A 75 -20.82 -11.34 -5.02
N GLN A 76 -21.73 -12.31 -5.04
CA GLN A 76 -21.33 -13.67 -5.33
C GLN A 76 -20.54 -13.71 -6.64
N PRO A 77 -19.42 -14.43 -6.68
CA PRO A 77 -18.67 -14.51 -7.94
C PRO A 77 -19.44 -15.24 -9.04
N ARG A 78 -19.07 -14.90 -10.27
CA ARG A 78 -19.54 -15.58 -11.47
C ARG A 78 -18.70 -16.84 -11.70
N TYR A 79 -19.35 -17.99 -11.72
CA TYR A 79 -18.66 -19.27 -11.81
C TYR A 79 -18.42 -19.63 -13.27
N THR A 80 -17.18 -20.04 -13.56
CA THR A 80 -16.74 -20.42 -14.89
C THR A 80 -15.86 -21.65 -14.74
N GLN A 81 -15.72 -22.40 -15.84
CA GLN A 81 -14.86 -23.59 -15.80
C GLN A 81 -13.44 -23.25 -15.38
N MET A 82 -12.97 -22.06 -15.74
CA MET A 82 -11.60 -21.68 -15.44
C MET A 82 -11.45 -21.12 -14.03
N ASN A 83 -12.54 -20.93 -13.30
CA ASN A 83 -12.50 -20.38 -11.96
C ASN A 83 -11.77 -19.03 -11.93
N ASP A 84 -12.01 -18.22 -12.97
CA ASP A 84 -11.32 -16.94 -13.08
C ASP A 84 -11.66 -15.99 -11.93
N ASN A 85 -12.86 -16.10 -11.38
CA ASN A 85 -13.36 -15.13 -10.40
C ASN A 85 -13.16 -15.61 -8.96
N ARG A 86 -12.00 -16.22 -8.71
N ARG A 86 -11.99 -16.22 -8.71
CA ARG A 86 -11.63 -16.72 -7.39
CA ARG A 86 -11.61 -16.73 -7.41
C ARG A 86 -10.82 -15.72 -6.58
C ARG A 86 -10.81 -15.72 -6.58
N HIS A 87 -10.38 -14.63 -7.19
CA HIS A 87 -9.35 -13.77 -6.60
C HIS A 87 -9.86 -13.07 -5.35
N GLY A 88 -11.08 -12.53 -5.38
CA GLY A 88 -11.60 -11.84 -4.21
C GLY A 88 -11.85 -12.76 -3.03
N THR A 89 -12.30 -13.99 -3.29
CA THR A 89 -12.52 -14.96 -2.21
C THR A 89 -11.21 -15.32 -1.54
N ARG A 90 -10.16 -15.49 -2.33
CA ARG A 90 -8.84 -15.74 -1.76
C ARG A 90 -8.37 -14.57 -0.90
N CYS A 91 -8.56 -13.35 -1.38
CA CYS A 91 -8.19 -12.19 -0.58
C CYS A 91 -8.99 -12.12 0.71
N ALA A 92 -10.30 -12.40 0.64
CA ALA A 92 -11.14 -12.27 1.83
C ALA A 92 -10.69 -13.21 2.95
N GLY A 93 -10.34 -14.44 2.61
CA GLY A 93 -9.95 -15.41 3.62
C GLY A 93 -8.66 -15.03 4.33
N GLU A 94 -7.80 -14.30 3.67
CA GLU A 94 -6.59 -13.85 4.32
C GLU A 94 -6.90 -12.87 5.44
N VAL A 95 -7.90 -12.02 5.22
CA VAL A 95 -8.29 -11.06 6.23
C VAL A 95 -9.02 -11.75 7.36
N ALA A 96 -10.03 -12.58 7.03
CA ALA A 96 -11.06 -12.87 8.01
C ALA A 96 -11.65 -14.27 7.90
N ALA A 97 -10.88 -15.24 7.42
CA ALA A 97 -11.38 -16.61 7.50
C ALA A 97 -11.68 -16.96 8.95
N VAL A 98 -12.79 -17.70 9.16
CA VAL A 98 -13.22 -18.04 10.51
C VAL A 98 -12.21 -18.97 11.17
N ALA A 99 -12.07 -18.81 12.49
CA ALA A 99 -11.14 -19.61 13.27
C ALA A 99 -11.86 -20.70 14.06
N ASN A 100 -11.13 -21.78 14.35
CA ASN A 100 -11.55 -22.82 15.29
C ASN A 100 -12.82 -23.52 14.83
N ASN A 101 -12.97 -23.69 13.52
CA ASN A 101 -14.17 -24.29 12.95
C ASN A 101 -13.85 -25.52 12.10
N GLY A 102 -12.64 -26.07 12.22
CA GLY A 102 -12.32 -27.30 11.52
C GLY A 102 -12.16 -27.16 10.02
N VAL A 103 -12.09 -25.94 9.49
CA VAL A 103 -12.05 -25.69 8.06
C VAL A 103 -10.82 -24.83 7.73
N CYS A 104 -10.01 -25.29 6.78
N CYS A 104 -10.06 -25.24 6.72
CA CYS A 104 -8.89 -24.52 6.18
CA CYS A 104 -8.94 -24.48 6.19
C CYS A 104 -8.07 -23.87 7.30
C CYS A 104 -8.07 -23.87 7.30
N GLY A 105 -7.77 -22.58 7.20
CA GLY A 105 -6.93 -21.91 8.19
C GLY A 105 -7.68 -20.80 8.86
N VAL A 106 -7.02 -19.68 9.17
CA VAL A 106 -7.65 -18.55 9.83
C VAL A 106 -7.26 -17.25 9.14
N GLY A 107 -8.13 -16.25 9.23
CA GLY A 107 -7.75 -14.91 8.86
C GLY A 107 -6.86 -14.25 9.90
N VAL A 108 -6.15 -13.20 9.47
CA VAL A 108 -5.40 -12.39 10.43
C VAL A 108 -6.35 -11.83 11.47
N ALA A 109 -7.49 -11.34 11.03
CA ALA A 109 -8.52 -10.77 11.90
C ALA A 109 -9.73 -11.69 11.84
N TYR A 110 -9.59 -12.86 12.46
CA TYR A 110 -10.55 -13.92 12.26
C TYR A 110 -11.88 -13.69 12.96
N ASN A 111 -12.04 -12.60 13.71
CA ASN A 111 -13.34 -12.19 14.23
C ASN A 111 -13.83 -10.87 13.63
N ALA A 112 -13.15 -10.35 12.61
CA ALA A 112 -13.68 -9.19 11.91
C ALA A 112 -14.84 -9.59 11.00
N ARG A 113 -15.58 -8.59 10.56
N ARG A 113 -15.59 -8.57 10.56
CA ARG A 113 -16.61 -8.78 9.54
CA ARG A 113 -16.61 -8.72 9.54
C ARG A 113 -16.00 -8.47 8.17
C ARG A 113 -15.97 -8.48 8.18
N ILE A 114 -16.36 -9.27 7.18
CA ILE A 114 -15.73 -9.26 5.87
C ILE A 114 -16.80 -9.18 4.80
N GLY A 115 -16.61 -8.24 3.87
CA GLY A 115 -17.46 -8.16 2.70
C GLY A 115 -16.61 -8.10 1.43
N GLY A 116 -17.31 -8.06 0.31
CA GLY A 116 -16.66 -7.91 -0.98
C GLY A 116 -17.46 -7.04 -1.90
N VAL A 117 -16.76 -6.27 -2.72
CA VAL A 117 -17.37 -5.52 -3.79
C VAL A 117 -16.99 -6.20 -5.10
N ARG A 118 -17.99 -6.66 -5.82
CA ARG A 118 -17.77 -7.29 -7.13
C ARG A 118 -17.68 -6.14 -8.12
N MET A 119 -16.46 -5.81 -8.53
CA MET A 119 -16.26 -4.67 -9.42
C MET A 119 -15.22 -4.89 -10.51
N LEU A 120 -14.49 -6.01 -10.52
CA LEU A 120 -13.54 -6.25 -11.59
C LEU A 120 -14.11 -7.08 -12.73
N ASP A 121 -15.27 -7.69 -12.54
CA ASP A 121 -15.80 -8.65 -13.52
C ASP A 121 -16.73 -7.93 -14.49
N GLY A 122 -16.11 -7.08 -15.29
CA GLY A 122 -16.84 -6.20 -16.18
C GLY A 122 -15.92 -5.07 -16.60
N GLU A 123 -16.50 -4.07 -17.25
CA GLU A 123 -15.73 -2.90 -17.63
C GLU A 123 -15.44 -2.07 -16.37
N VAL A 124 -14.16 -1.87 -16.07
CA VAL A 124 -13.76 -1.16 -14.86
C VAL A 124 -13.57 0.31 -15.24
N THR A 125 -14.68 1.04 -15.23
CA THR A 125 -14.66 2.46 -15.48
C THR A 125 -14.29 3.23 -14.22
N ASP A 126 -14.00 4.53 -14.42
CA ASP A 126 -13.80 5.45 -13.30
C ASP A 126 -15.00 5.42 -12.37
N ALA A 127 -16.22 5.41 -12.92
CA ALA A 127 -17.41 5.40 -12.09
C ALA A 127 -17.52 4.12 -11.26
N VAL A 128 -17.19 2.98 -11.88
CA VAL A 128 -17.17 1.70 -11.16
C VAL A 128 -16.19 1.76 -9.99
N GLU A 129 -14.98 2.26 -10.25
CA GLU A 129 -14.00 2.38 -9.18
C GLU A 129 -14.52 3.28 -8.06
N ALA A 130 -15.13 4.41 -8.42
CA ALA A 130 -15.57 5.39 -7.44
C ALA A 130 -16.71 4.85 -6.59
N ARG A 131 -17.66 4.14 -7.19
CA ARG A 131 -18.76 3.56 -6.44
C ARG A 131 -18.26 2.46 -5.51
N SER A 132 -17.14 1.83 -5.84
CA SER A 132 -16.56 0.79 -4.99
C SER A 132 -15.79 1.39 -3.82
N LEU A 133 -14.86 2.31 -4.11
CA LEU A 133 -14.10 3.00 -3.07
C LEU A 133 -15.01 3.77 -2.13
N GLY A 134 -16.14 4.24 -2.64
CA GLY A 134 -17.07 5.02 -1.87
C GLY A 134 -18.22 4.24 -1.26
N LEU A 135 -18.14 2.91 -1.23
CA LEU A 135 -19.23 2.09 -0.74
C LEU A 135 -19.36 2.22 0.78
N ASN A 136 -20.56 2.55 1.25
CA ASN A 136 -20.94 2.51 2.66
C ASN A 136 -19.81 2.96 3.56
N PRO A 137 -19.31 4.22 3.39
CA PRO A 137 -18.09 4.64 4.09
C PRO A 137 -18.25 4.91 5.57
N ASN A 138 -19.47 4.94 6.09
CA ASN A 138 -19.67 5.02 7.53
C ASN A 138 -19.89 3.65 8.15
N HIS A 139 -19.81 2.58 7.35
CA HIS A 139 -19.89 1.23 7.88
C HIS A 139 -18.60 0.46 7.68
N ILE A 140 -18.05 0.49 6.47
CA ILE A 140 -16.78 -0.17 6.18
C ILE A 140 -15.65 0.68 6.75
N HIS A 141 -14.72 0.04 7.46
CA HIS A 141 -13.57 0.74 8.02
C HIS A 141 -12.36 0.72 7.10
N ILE A 142 -12.13 -0.44 6.49
CA ILE A 142 -10.90 -0.72 5.76
C ILE A 142 -11.29 -1.32 4.42
N TYR A 143 -10.71 -0.78 3.35
CA TYR A 143 -10.85 -1.29 1.99
C TYR A 143 -9.52 -1.88 1.54
N SER A 144 -9.58 -3.05 0.89
CA SER A 144 -8.40 -3.73 0.39
C SER A 144 -8.53 -3.93 -1.12
N ALA A 145 -7.51 -3.51 -1.86
CA ALA A 145 -7.52 -3.62 -3.32
C ALA A 145 -6.25 -4.27 -3.81
N SER A 146 -6.40 -5.39 -4.53
CA SER A 146 -5.27 -6.09 -5.14
C SER A 146 -5.40 -6.08 -6.65
N TRP A 147 -5.39 -4.88 -7.23
CA TRP A 147 -5.56 -4.68 -8.66
C TRP A 147 -5.05 -3.27 -8.96
N GLY A 148 -4.85 -3.00 -10.24
CA GLY A 148 -4.48 -1.67 -10.64
C GLY A 148 -4.16 -1.60 -12.12
N PRO A 149 -3.48 -0.52 -12.51
CA PRO A 149 -3.13 -0.36 -13.93
C PRO A 149 -2.18 -1.47 -14.38
N GLU A 150 -2.11 -1.66 -15.70
CA GLU A 150 -1.34 -2.76 -16.26
C GLU A 150 0.11 -2.72 -15.80
N ASP A 151 0.63 -3.89 -15.41
CA ASP A 151 2.01 -4.10 -15.01
C ASP A 151 2.91 -4.43 -16.20
N ASP A 152 2.73 -3.75 -17.34
CA ASP A 152 3.57 -4.04 -18.49
C ASP A 152 4.90 -3.29 -18.44
N GLY A 153 5.12 -2.47 -17.42
CA GLY A 153 6.33 -1.68 -17.34
C GLY A 153 6.38 -0.52 -18.31
N LYS A 154 5.26 -0.17 -18.92
CA LYS A 154 5.21 0.99 -19.79
C LYS A 154 4.05 1.92 -19.49
N THR A 155 3.17 1.56 -18.56
CA THR A 155 1.97 2.33 -18.30
C THR A 155 2.23 3.36 -17.20
N VAL A 156 1.65 4.56 -17.38
CA VAL A 156 1.59 5.56 -16.32
C VAL A 156 0.11 5.90 -16.20
N ASP A 157 -0.53 5.52 -15.09
CA ASP A 157 -1.97 5.67 -14.98
C ASP A 157 -2.36 5.65 -13.51
N GLY A 158 -3.48 6.29 -13.22
CA GLY A 158 -3.94 6.39 -11.85
C GLY A 158 -5.42 6.69 -11.82
N PRO A 159 -5.95 6.97 -10.64
CA PRO A 159 -7.39 7.26 -10.54
C PRO A 159 -7.78 8.47 -11.37
N ALA A 160 -8.87 8.34 -12.11
CA ALA A 160 -9.49 9.45 -12.81
C ALA A 160 -10.34 10.25 -11.80
N ARG A 161 -11.13 11.21 -12.29
CA ARG A 161 -11.68 12.22 -11.40
C ARG A 161 -12.61 11.62 -10.34
N LEU A 162 -13.54 10.75 -10.74
CA LEU A 162 -14.48 10.20 -9.76
C LEU A 162 -13.76 9.37 -8.70
N ALA A 163 -12.78 8.56 -9.11
CA ALA A 163 -12.07 7.74 -8.14
C ALA A 163 -11.23 8.59 -7.19
N GLU A 164 -10.58 9.63 -7.71
CA GLU A 164 -9.83 10.52 -6.82
C GLU A 164 -10.75 11.26 -5.87
N GLU A 165 -11.91 11.70 -6.36
CA GLU A 165 -12.90 12.28 -5.47
C GLU A 165 -13.32 11.29 -4.40
N ALA A 166 -13.43 10.00 -4.75
CA ALA A 166 -13.80 9.00 -3.76
C ALA A 166 -12.74 8.87 -2.68
N PHE A 167 -11.46 8.91 -3.06
CA PHE A 167 -10.39 8.90 -2.08
C PHE A 167 -10.51 10.11 -1.15
N PHE A 168 -10.70 11.30 -1.73
CA PHE A 168 -10.69 12.49 -0.87
C PHE A 168 -11.90 12.48 0.05
N ARG A 169 -13.08 12.09 -0.48
CA ARG A 169 -14.26 11.97 0.37
C ARG A 169 -14.06 10.92 1.45
N GLY A 170 -13.41 9.81 1.08
CA GLY A 170 -13.19 8.73 2.04
C GLY A 170 -12.33 9.17 3.20
N VAL A 171 -11.18 9.77 2.91
CA VAL A 171 -10.28 10.11 4.01
C VAL A 171 -10.79 11.31 4.80
N SER A 172 -11.64 12.15 4.19
CA SER A 172 -12.12 13.36 4.85
C SER A 172 -13.35 13.10 5.70
N GLN A 173 -14.38 12.48 5.12
CA GLN A 173 -15.64 12.26 5.80
C GLN A 173 -15.89 10.79 6.16
N GLY A 174 -15.18 9.85 5.57
CA GLY A 174 -15.41 8.45 5.89
C GLY A 174 -15.10 8.12 7.34
N ARG A 175 -15.75 7.06 7.84
CA ARG A 175 -15.50 6.54 9.18
C ARG A 175 -15.66 7.63 10.24
N GLY A 176 -16.76 8.37 10.14
CA GLY A 176 -17.06 9.34 11.16
C GLY A 176 -16.15 10.55 11.15
N GLY A 177 -15.50 10.80 10.02
CA GLY A 177 -14.54 11.86 9.89
C GLY A 177 -13.12 11.45 10.20
N LEU A 178 -12.90 10.21 10.62
CA LEU A 178 -11.55 9.75 10.89
C LEU A 178 -10.83 9.32 9.62
N GLY A 179 -11.58 8.96 8.57
CA GLY A 179 -11.01 8.64 7.28
C GLY A 179 -11.00 7.16 6.96
N SER A 180 -11.59 6.80 5.82
CA SER A 180 -11.47 5.45 5.30
C SER A 180 -10.01 5.05 5.19
N ILE A 181 -9.73 3.78 5.51
N ILE A 181 -9.72 3.78 5.46
CA ILE A 181 -8.41 3.20 5.35
CA ILE A 181 -8.37 3.24 5.36
C ILE A 181 -8.39 2.44 4.03
C ILE A 181 -8.31 2.40 4.09
N PHE A 182 -7.52 2.85 3.11
CA PHE A 182 -7.39 2.20 1.80
C PHE A 182 -6.05 1.48 1.75
N VAL A 183 -6.09 0.14 1.67
CA VAL A 183 -4.89 -0.69 1.60
C VAL A 183 -4.74 -1.18 0.17
N TRP A 184 -3.53 -1.03 -0.39
CA TRP A 184 -3.30 -1.33 -1.80
C TRP A 184 -2.09 -2.22 -1.99
N ALA A 185 -2.22 -3.24 -2.83
CA ALA A 185 -1.08 -4.06 -3.23
C ALA A 185 -0.21 -3.28 -4.22
N SER A 186 1.11 -3.32 -4.02
CA SER A 186 1.95 -2.41 -4.79
C SER A 186 2.16 -2.83 -6.25
N GLY A 187 1.91 -4.09 -6.60
CA GLY A 187 1.97 -4.48 -8.01
C GLY A 187 2.76 -5.75 -8.31
N ASN A 188 2.52 -6.36 -9.47
CA ASN A 188 3.19 -7.60 -9.85
C ASN A 188 4.09 -7.43 -11.08
N GLY A 189 4.59 -6.22 -11.33
CA GLY A 189 5.31 -5.95 -12.56
C GLY A 189 6.83 -6.11 -12.49
N GLY A 190 7.32 -6.86 -11.51
CA GLY A 190 8.75 -6.98 -11.32
C GLY A 190 9.48 -7.52 -12.54
N ARG A 191 8.90 -8.53 -13.21
CA ARG A 191 9.57 -9.12 -14.37
C ARG A 191 9.73 -8.10 -15.48
N GLU A 192 8.82 -7.13 -15.56
CA GLU A 192 8.86 -6.07 -16.55
C GLU A 192 9.63 -4.84 -16.06
N HIS A 193 10.31 -4.93 -14.92
CA HIS A 193 11.02 -3.80 -14.32
C HIS A 193 10.08 -2.59 -14.15
N ASP A 194 8.85 -2.86 -13.75
CA ASP A 194 7.87 -1.81 -13.51
C ASP A 194 8.21 -1.04 -12.24
N SER A 195 7.68 0.19 -12.16
CA SER A 195 7.83 1.05 -11.00
C SER A 195 6.46 1.34 -10.41
N CYS A 196 6.30 1.09 -9.12
CA CYS A 196 5.00 1.34 -8.50
C CYS A 196 4.75 2.83 -8.26
N ASN A 197 5.70 3.72 -8.60
CA ASN A 197 5.36 5.14 -8.62
C ASN A 197 4.64 5.55 -9.90
N CYS A 198 4.59 4.68 -10.92
CA CYS A 198 3.87 4.94 -12.15
C CYS A 198 2.43 4.46 -12.10
N ASP A 199 1.97 4.08 -10.91
CA ASP A 199 0.64 3.61 -10.60
C ASP A 199 0.08 4.60 -9.58
N GLY A 200 -0.92 5.39 -9.98
CA GLY A 200 -1.41 6.44 -9.11
C GLY A 200 -2.18 5.94 -7.90
N TYR A 201 -2.62 4.68 -7.93
CA TYR A 201 -3.33 4.12 -6.78
C TYR A 201 -2.35 3.84 -5.64
N THR A 202 -1.21 3.20 -5.97
CA THR A 202 -0.20 2.92 -4.97
C THR A 202 0.55 4.19 -4.58
N ASN A 203 0.82 5.06 -5.55
CA ASN A 203 1.54 6.32 -5.37
C ASN A 203 0.72 7.37 -4.62
N SER A 204 -0.58 7.13 -4.41
CA SER A 204 -1.42 8.07 -3.67
C SER A 204 -1.01 8.15 -2.20
N ILE A 205 -1.13 9.35 -1.63
CA ILE A 205 -0.91 9.44 -0.18
C ILE A 205 -2.06 8.81 0.60
N TYR A 206 -3.22 8.62 -0.03
CA TYR A 206 -4.41 8.13 0.67
C TYR A 206 -4.44 6.62 0.79
N THR A 207 -3.50 5.92 0.18
CA THR A 207 -3.43 4.47 0.25
C THR A 207 -2.16 4.05 0.98
N LEU A 208 -2.28 2.98 1.74
CA LEU A 208 -1.11 2.29 2.29
C LEU A 208 -0.68 1.24 1.27
N SER A 209 0.40 1.52 0.55
CA SER A 209 0.87 0.61 -0.47
C SER A 209 1.80 -0.42 0.14
N ILE A 210 1.51 -1.70 -0.11
CA ILE A 210 2.12 -2.82 0.59
C ILE A 210 2.82 -3.72 -0.42
N SER A 211 4.10 -3.99 -0.18
CA SER A 211 4.88 -4.89 -1.01
C SER A 211 5.04 -6.25 -0.33
N SER A 212 5.80 -7.13 -0.97
CA SER A 212 5.92 -8.52 -0.55
C SER A 212 7.35 -8.93 -0.26
N ALA A 213 7.50 -9.92 0.63
CA ALA A 213 8.76 -10.61 0.84
C ALA A 213 8.53 -12.12 0.75
N THR A 214 9.53 -12.85 0.26
CA THR A 214 9.44 -14.30 0.21
C THR A 214 9.74 -14.89 1.60
N GLN A 215 9.42 -16.18 1.76
CA GLN A 215 9.61 -16.84 3.05
C GLN A 215 11.04 -16.71 3.55
N PHE A 216 12.03 -16.83 2.65
CA PHE A 216 13.43 -16.72 3.06
C PHE A 216 13.91 -15.27 3.15
N GLY A 217 13.00 -14.31 3.03
CA GLY A 217 13.33 -12.91 3.24
C GLY A 217 13.87 -12.20 2.03
N ASN A 218 13.51 -12.63 0.83
CA ASN A 218 14.03 -12.02 -0.37
C ASN A 218 12.96 -11.24 -1.13
N VAL A 219 13.43 -10.44 -2.09
CA VAL A 219 12.55 -9.65 -2.95
C VAL A 219 12.00 -10.59 -4.03
N PRO A 220 10.70 -10.85 -4.03
CA PRO A 220 10.15 -11.81 -5.01
C PRO A 220 10.33 -11.34 -6.44
N TRP A 221 10.27 -12.32 -7.35
CA TRP A 221 10.39 -12.03 -8.77
C TRP A 221 9.41 -10.95 -9.24
N TYR A 222 8.19 -10.92 -8.68
CA TYR A 222 7.11 -10.06 -9.15
C TYR A 222 7.15 -8.66 -8.54
N SER A 223 8.04 -8.42 -7.57
CA SER A 223 8.04 -7.18 -6.81
C SER A 223 8.41 -5.98 -7.65
N GLU A 224 7.71 -4.87 -7.43
CA GLU A 224 8.07 -3.58 -8.00
C GLU A 224 8.66 -2.71 -6.91
N ALA A 225 9.79 -2.07 -7.22
CA ALA A 225 10.42 -1.13 -6.32
C ALA A 225 9.93 0.29 -6.60
N CYS A 226 9.71 1.07 -5.55
CA CYS A 226 9.40 2.48 -5.71
C CYS A 226 9.38 3.16 -4.34
N SER A 227 9.44 4.50 -4.35
CA SER A 227 9.51 5.25 -3.10
C SER A 227 8.15 5.41 -2.42
N SER A 228 7.05 5.11 -3.11
CA SER A 228 5.74 5.30 -2.50
C SER A 228 5.32 4.15 -1.59
N THR A 229 5.98 3.00 -1.68
CA THR A 229 5.62 1.86 -0.85
C THR A 229 5.87 2.20 0.62
N LEU A 230 4.97 1.73 1.48
CA LEU A 230 5.07 2.04 2.90
C LEU A 230 5.60 0.90 3.73
N ALA A 231 5.18 -0.33 3.43
CA ALA A 231 5.61 -1.48 4.24
C ALA A 231 5.37 -2.77 3.45
N THR A 232 5.59 -3.90 4.12
CA THR A 232 5.67 -5.21 3.49
C THR A 232 4.96 -6.26 4.32
N THR A 233 4.38 -7.25 3.64
CA THR A 233 4.01 -8.49 4.29
C THR A 233 4.55 -9.66 3.48
N TYR A 234 4.60 -10.83 4.10
CA TYR A 234 5.03 -12.02 3.40
C TYR A 234 4.04 -12.41 2.30
N SER A 235 4.59 -12.99 1.23
CA SER A 235 3.79 -13.64 0.21
C SER A 235 4.65 -14.75 -0.39
N SER A 236 4.41 -15.10 -1.65
CA SER A 236 5.04 -16.23 -2.30
C SER A 236 6.40 -15.85 -2.88
N GLY A 237 7.16 -16.88 -3.23
CA GLY A 237 8.48 -16.75 -3.81
C GLY A 237 8.75 -17.88 -4.78
N ASN A 238 9.86 -18.60 -4.59
CA ASN A 238 10.21 -19.71 -5.46
C ASN A 238 9.48 -20.97 -4.99
N GLN A 239 9.72 -22.08 -5.66
CA GLN A 239 8.92 -23.28 -5.39
C GLN A 239 9.42 -24.07 -4.19
N ASN A 240 10.53 -23.65 -3.57
CA ASN A 240 10.94 -24.20 -2.28
C ASN A 240 10.38 -23.39 -1.11
N GLU A 241 9.81 -22.22 -1.37
CA GLU A 241 9.26 -21.34 -0.36
C GLU A 241 7.75 -21.58 -0.26
N LYS A 242 7.22 -21.51 0.94
CA LYS A 242 5.80 -21.74 1.14
C LYS A 242 4.98 -20.54 0.63
N GLN A 243 3.68 -20.73 0.50
CA GLN A 243 2.80 -19.71 -0.06
C GLN A 243 1.70 -19.41 0.97
N ILE A 244 0.65 -18.74 0.50
CA ILE A 244 -0.38 -18.22 1.40
C ILE A 244 -1.60 -19.13 1.38
N VAL A 245 -2.14 -19.39 2.57
CA VAL A 245 -3.23 -20.35 2.78
C VAL A 245 -4.52 -19.57 2.93
N THR A 246 -5.52 -19.91 2.13
CA THR A 246 -6.75 -19.13 2.22
C THR A 246 -7.92 -19.88 1.61
N THR A 247 -9.07 -19.21 1.66
CA THR A 247 -10.31 -19.72 1.11
C THR A 247 -10.31 -19.60 -0.40
N ASP A 248 -10.76 -20.65 -1.08
CA ASP A 248 -10.79 -20.67 -2.53
C ASP A 248 -12.22 -20.85 -3.02
N LEU A 249 -12.41 -20.49 -4.28
CA LEU A 249 -13.72 -20.64 -4.92
C LEU A 249 -14.18 -22.08 -4.86
N ARG A 250 -15.51 -22.25 -4.84
CA ARG A 250 -16.15 -23.56 -4.74
C ARG A 250 -15.90 -24.21 -3.39
N GLN A 251 -15.83 -23.38 -2.34
CA GLN A 251 -15.86 -23.85 -0.95
C GLN A 251 -14.64 -24.71 -0.64
N LYS A 252 -13.54 -24.40 -1.30
CA LYS A 252 -12.29 -25.10 -1.15
C LYS A 252 -11.29 -24.29 -0.34
N CYS A 253 -10.18 -24.94 -0.03
N CYS A 253 -10.20 -24.95 0.03
CA CYS A 253 -9.04 -24.34 0.67
CA CYS A 253 -9.05 -24.34 0.66
C CYS A 253 -7.84 -24.43 -0.25
C CYS A 253 -7.89 -24.39 -0.32
N THR A 254 -7.08 -23.35 -0.37
CA THR A 254 -5.88 -23.36 -1.18
C THR A 254 -4.67 -23.03 -0.31
N GLU A 255 -3.54 -23.67 -0.62
CA GLU A 255 -2.27 -23.33 0.01
C GLU A 255 -1.34 -22.61 -0.96
N SER A 256 -1.87 -22.10 -2.06
CA SER A 256 -1.00 -21.59 -3.13
C SER A 256 -1.49 -20.24 -3.67
N HIS A 257 -1.94 -19.35 -2.79
CA HIS A 257 -2.20 -17.97 -3.16
C HIS A 257 -0.87 -17.22 -3.19
N THR A 258 -0.71 -16.32 -4.17
CA THR A 258 0.62 -15.82 -4.51
C THR A 258 0.58 -14.34 -4.88
N GLY A 259 1.77 -13.73 -4.98
CA GLY A 259 1.93 -12.38 -5.52
C GLY A 259 1.59 -11.27 -4.55
N THR A 260 1.69 -10.02 -5.03
CA THR A 260 1.36 -8.98 -4.05
C THR A 260 -0.13 -8.96 -3.75
N SER A 261 -0.95 -9.68 -4.53
CA SER A 261 -2.38 -9.76 -4.21
C SER A 261 -2.61 -10.28 -2.80
N ALA A 262 -1.73 -11.15 -2.30
CA ALA A 262 -1.87 -11.68 -0.95
C ALA A 262 -1.38 -10.72 0.12
N SER A 263 -0.48 -9.79 -0.21
CA SER A 263 0.09 -8.93 0.82
C SER A 263 -0.88 -7.85 1.28
N ALA A 264 -1.66 -7.26 0.38
CA ALA A 264 -2.59 -6.22 0.83
C ALA A 264 -3.61 -6.79 1.82
N PRO A 265 -4.25 -7.94 1.56
CA PRO A 265 -5.22 -8.45 2.55
C PRO A 265 -4.60 -8.76 3.89
N LEU A 266 -3.38 -9.30 3.92
CA LEU A 266 -2.76 -9.55 5.21
C LEU A 266 -2.53 -8.24 5.95
N ALA A 267 -2.07 -7.20 5.25
CA ALA A 267 -1.92 -5.88 5.86
C ALA A 267 -3.27 -5.35 6.34
N ALA A 268 -4.32 -5.52 5.53
CA ALA A 268 -5.65 -5.08 5.94
C ALA A 268 -6.09 -5.76 7.23
N GLY A 269 -5.77 -7.05 7.38
CA GLY A 269 -6.10 -7.75 8.61
C GLY A 269 -5.33 -7.20 9.80
N ILE A 270 -4.05 -6.93 9.63
CA ILE A 270 -3.26 -6.36 10.73
C ILE A 270 -3.81 -4.99 11.12
N ILE A 271 -4.18 -4.18 10.13
CA ILE A 271 -4.78 -2.88 10.39
C ILE A 271 -6.11 -3.02 11.10
N ALA A 272 -6.88 -4.07 10.77
CA ALA A 272 -8.11 -4.32 11.50
C ALA A 272 -7.85 -4.60 12.98
N LEU A 273 -6.84 -5.42 13.29
CA LEU A 273 -6.50 -5.65 14.70
C LEU A 273 -6.13 -4.34 15.38
N THR A 274 -5.39 -3.49 14.67
CA THR A 274 -4.94 -2.21 15.21
C THR A 274 -6.12 -1.28 15.48
N LEU A 275 -7.06 -1.21 14.54
N LEU A 275 -7.08 -1.24 14.56
CA LEU A 275 -8.24 -0.39 14.79
CA LEU A 275 -8.24 -0.39 14.78
C LEU A 275 -9.04 -0.90 15.98
C LEU A 275 -9.12 -0.91 15.91
N GLU A 276 -9.13 -2.23 16.15
CA GLU A 276 -9.84 -2.75 17.32
C GLU A 276 -9.17 -2.24 18.59
N ALA A 277 -7.85 -2.16 18.60
CA ALA A 277 -7.12 -1.66 19.75
C ALA A 277 -7.33 -0.17 19.98
N ASN A 278 -7.70 0.60 18.96
CA ASN A 278 -7.97 2.02 19.13
C ASN A 278 -8.85 2.47 17.97
N LYS A 279 -10.16 2.52 18.21
CA LYS A 279 -11.11 2.86 17.16
C LYS A 279 -11.03 4.32 16.73
N ASN A 280 -10.33 5.15 17.49
CA ASN A 280 -10.25 6.59 17.22
C ASN A 280 -9.08 6.97 16.32
N LEU A 281 -8.34 6.00 15.80
CA LEU A 281 -7.22 6.29 14.93
C LEU A 281 -7.69 6.88 13.60
N THR A 282 -7.03 7.94 13.14
CA THR A 282 -7.34 8.51 11.85
C THR A 282 -6.58 7.78 10.74
N TRP A 283 -6.93 8.09 9.49
CA TRP A 283 -6.23 7.48 8.37
C TRP A 283 -4.74 7.81 8.40
N ARG A 284 -4.38 9.02 8.84
CA ARG A 284 -2.97 9.36 8.95
C ARG A 284 -2.32 8.71 10.17
N ASP A 285 -3.03 8.64 11.30
CA ASP A 285 -2.51 7.93 12.46
C ASP A 285 -2.05 6.53 12.04
N MET A 286 -2.85 5.85 11.22
CA MET A 286 -2.55 4.47 10.86
C MET A 286 -1.25 4.39 10.08
N GLN A 287 -1.00 5.35 9.20
CA GLN A 287 0.27 5.34 8.46
C GLN A 287 1.44 5.62 9.40
N HIS A 288 1.28 6.54 10.35
CA HIS A 288 2.33 6.77 11.35
C HIS A 288 2.66 5.49 12.11
N LEU A 289 1.63 4.74 12.53
CA LEU A 289 1.87 3.50 13.27
C LEU A 289 2.67 2.51 12.43
N VAL A 290 2.32 2.37 11.15
CA VAL A 290 3.06 1.47 10.26
C VAL A 290 4.51 1.90 10.16
N VAL A 291 4.76 3.20 9.95
CA VAL A 291 6.14 3.66 9.84
C VAL A 291 6.91 3.35 11.11
N GLN A 292 6.30 3.57 12.28
CA GLN A 292 7.05 3.45 13.52
C GLN A 292 7.31 1.99 13.90
N THR A 293 6.45 1.06 13.50
CA THR A 293 6.52 -0.30 14.04
C THR A 293 7.04 -1.34 13.07
N SER A 294 7.16 -1.03 11.79
CA SER A 294 7.57 -2.03 10.81
C SER A 294 9.04 -2.35 10.95
N LYS A 295 9.41 -3.56 10.56
CA LYS A 295 10.68 -4.15 10.94
C LYS A 295 11.50 -4.53 9.72
N PRO A 296 12.68 -3.93 9.52
CA PRO A 296 13.53 -4.37 8.40
C PRO A 296 14.19 -5.72 8.60
N ALA A 297 14.32 -6.18 9.84
CA ALA A 297 15.30 -7.23 10.13
C ALA A 297 15.14 -8.43 9.21
N HIS A 298 16.24 -8.87 8.63
CA HIS A 298 16.30 -10.10 7.85
C HIS A 298 15.47 -10.04 6.58
N LEU A 299 15.03 -8.88 6.16
CA LEU A 299 14.64 -8.69 4.78
C LEU A 299 15.88 -8.29 3.99
N ASN A 300 16.16 -9.02 2.91
CA ASN A 300 17.37 -8.80 2.13
C ASN A 300 17.09 -7.86 0.95
N ALA A 301 17.88 -6.80 0.86
CA ALA A 301 17.82 -5.88 -0.27
C ALA A 301 19.15 -5.17 -0.38
N ASN A 302 19.49 -4.71 -1.58
CA ASN A 302 20.75 -4.01 -1.75
C ASN A 302 20.63 -2.51 -1.58
N ASP A 303 19.43 -2.01 -1.24
CA ASP A 303 19.23 -0.56 -1.19
C ASP A 303 18.76 -0.08 0.18
N TRP A 304 18.95 -0.84 1.24
CA TRP A 304 18.57 -0.34 2.56
C TRP A 304 19.37 0.93 2.86
N ALA A 305 18.67 1.97 3.32
CA ALA A 305 19.29 3.24 3.66
C ALA A 305 18.67 3.75 4.94
N THR A 306 19.46 4.44 5.76
CA THR A 306 18.94 5.05 6.97
C THR A 306 18.54 6.49 6.65
N ASN A 307 17.31 6.85 7.00
CA ASN A 307 16.84 8.19 6.67
C ASN A 307 17.24 9.18 7.78
N GLY A 308 16.67 10.39 7.72
CA GLY A 308 17.17 11.45 8.57
C GLY A 308 16.78 11.31 10.03
N VAL A 309 15.82 10.45 10.34
CA VAL A 309 15.42 10.21 11.70
C VAL A 309 15.78 8.78 12.14
N GLY A 310 16.72 8.17 11.43
CA GLY A 310 17.32 6.93 11.87
C GLY A 310 16.57 5.67 11.52
N ARG A 311 15.54 5.75 10.67
CA ARG A 311 14.76 4.58 10.27
C ARG A 311 15.29 4.04 8.94
N LYS A 312 15.42 2.71 8.88
N LYS A 312 15.42 2.71 8.87
CA LYS A 312 15.84 2.05 7.67
CA LYS A 312 15.86 2.07 7.64
C LYS A 312 14.69 1.99 6.68
C LYS A 312 14.70 1.97 6.66
N VAL A 313 14.99 2.23 5.40
N VAL A 313 14.98 2.30 5.41
CA VAL A 313 13.94 2.24 4.38
CA VAL A 313 13.95 2.23 4.37
C VAL A 313 14.53 1.69 3.08
C VAL A 313 14.56 1.62 3.11
N SER A 314 13.72 0.92 2.37
CA SER A 314 14.09 0.29 1.11
C SER A 314 12.98 0.55 0.09
N HIS A 315 13.36 0.66 -1.17
CA HIS A 315 12.34 0.81 -2.21
C HIS A 315 11.60 -0.49 -2.48
N SER A 316 12.15 -1.63 -2.06
CA SER A 316 11.44 -2.89 -2.21
C SER A 316 10.46 -3.15 -1.08
N TYR A 317 10.69 -2.56 0.09
CA TYR A 317 9.97 -2.95 1.28
C TYR A 317 9.39 -1.82 2.11
N GLY A 318 9.61 -0.56 1.71
CA GLY A 318 9.25 0.54 2.58
C GLY A 318 10.03 0.45 3.89
N TYR A 319 9.30 0.56 4.99
CA TYR A 319 9.88 0.50 6.33
C TYR A 319 10.03 -0.93 6.83
N GLY A 320 9.67 -1.92 6.02
CA GLY A 320 9.89 -3.30 6.38
C GLY A 320 8.61 -4.07 6.63
N LEU A 321 8.77 -5.20 7.32
N LEU A 321 8.76 -5.18 7.35
CA LEU A 321 7.65 -6.10 7.59
CA LEU A 321 7.67 -6.10 7.61
C LEU A 321 6.70 -5.50 8.61
C LEU A 321 6.70 -5.54 8.64
N LEU A 322 5.40 -5.64 8.36
CA LEU A 322 4.43 -5.30 9.39
C LEU A 322 4.63 -6.20 10.61
N ASP A 323 4.36 -5.62 11.78
CA ASP A 323 4.52 -6.29 13.07
C ASP A 323 3.22 -6.07 13.83
N ALA A 324 2.34 -7.09 13.83
CA ALA A 324 1.00 -6.89 14.36
C ALA A 324 1.01 -6.65 15.87
N GLY A 325 1.82 -7.40 16.62
CA GLY A 325 1.88 -7.17 18.05
C GLY A 325 2.34 -5.77 18.40
N ALA A 326 3.30 -5.24 17.64
CA ALA A 326 3.81 -3.90 17.90
C ALA A 326 2.79 -2.84 17.52
N MET A 327 2.07 -3.06 16.41
CA MET A 327 1.01 -2.15 15.98
C MET A 327 -0.08 -2.02 17.04
N VAL A 328 -0.60 -3.15 17.54
CA VAL A 328 -1.70 -3.05 18.50
C VAL A 328 -1.21 -2.46 19.83
N ALA A 329 0.04 -2.76 20.21
CA ALA A 329 0.59 -2.21 21.44
C ALA A 329 0.70 -0.69 21.35
N LEU A 330 1.25 -0.19 20.25
CA LEU A 330 1.45 1.25 20.08
C LEU A 330 0.13 1.99 19.88
N ALA A 331 -0.87 1.33 19.27
CA ALA A 331 -2.14 1.99 19.02
C ALA A 331 -2.85 2.37 20.31
N GLN A 332 -2.67 1.59 21.37
CA GLN A 332 -3.56 1.71 22.52
C GLN A 332 -3.53 3.09 23.14
N ASN A 333 -2.34 3.65 23.35
CA ASN A 333 -2.27 4.97 23.97
C ASN A 333 -1.86 6.04 22.97
N TRP A 334 -2.07 5.79 21.69
CA TRP A 334 -1.66 6.73 20.66
C TRP A 334 -2.37 8.07 20.79
N THR A 335 -1.60 9.15 20.65
CA THR A 335 -2.14 10.51 20.62
C THR A 335 -2.40 10.91 19.17
N THR A 336 -3.63 11.29 18.87
CA THR A 336 -4.00 11.69 17.51
C THR A 336 -3.02 12.72 16.97
N VAL A 337 -2.58 12.54 15.73
CA VAL A 337 -1.67 13.50 15.12
C VAL A 337 -2.42 14.81 14.84
N ALA A 338 -1.65 15.89 14.73
CA ALA A 338 -2.23 17.18 14.46
C ALA A 338 -2.80 17.23 13.06
N PRO A 339 -3.64 18.21 12.76
CA PRO A 339 -4.22 18.30 11.41
C PRO A 339 -3.13 18.43 10.35
N GLN A 340 -3.41 17.84 9.20
CA GLN A 340 -2.46 17.79 8.10
C GLN A 340 -2.26 19.17 7.49
N ARG A 341 -1.01 19.59 7.39
CA ARG A 341 -0.62 20.81 6.68
C ARG A 341 -0.09 20.43 5.30
N LYS A 342 -0.20 21.36 4.36
CA LYS A 342 0.23 21.18 2.97
C LYS A 342 0.99 22.42 2.55
N CYS A 343 2.26 22.28 2.20
CA CYS A 343 3.11 23.38 1.78
C CYS A 343 3.51 23.17 0.33
N ILE A 344 3.11 24.10 -0.53
CA ILE A 344 3.27 24.00 -1.97
C ILE A 344 4.42 24.91 -2.39
N ILE A 345 5.46 24.33 -3.00
CA ILE A 345 6.64 25.10 -3.38
C ILE A 345 6.87 24.93 -4.87
N ASP A 346 6.67 26.00 -5.63
CA ASP A 346 6.91 25.95 -7.06
C ASP A 346 8.41 26.24 -7.27
N ILE A 347 9.12 25.26 -7.82
CA ILE A 347 10.59 25.26 -7.76
C ILE A 347 11.20 26.03 -8.94
N LEU A 348 10.71 25.85 -10.17
CA LEU A 348 11.45 26.39 -11.31
C LEU A 348 11.11 27.86 -11.57
N THR A 349 12.10 28.60 -12.10
CA THR A 349 11.84 29.94 -12.63
C THR A 349 11.89 29.98 -14.15
N GLU A 350 12.30 28.89 -14.79
CA GLU A 350 12.32 28.76 -16.23
C GLU A 350 12.39 27.29 -16.57
N PRO A 351 11.96 26.88 -17.76
CA PRO A 351 12.15 25.48 -18.16
C PRO A 351 13.64 25.12 -18.26
N LYS A 352 13.92 23.83 -18.07
CA LYS A 352 15.27 23.30 -18.04
C LYS A 352 15.39 22.14 -19.01
N ASP A 353 16.31 22.24 -19.96
N ASP A 353 16.34 22.24 -19.94
CA ASP A 353 16.57 21.11 -20.85
CA ASP A 353 16.70 21.14 -20.81
C ASP A 353 17.20 19.96 -20.05
C ASP A 353 17.20 19.95 -19.99
N ILE A 354 16.73 18.74 -20.32
CA ILE A 354 17.18 17.58 -19.55
C ILE A 354 18.50 17.05 -20.11
N GLY A 355 18.58 16.85 -21.43
CA GLY A 355 19.81 16.33 -22.00
C GLY A 355 20.20 15.01 -21.37
N LYS A 356 21.49 14.85 -21.10
CA LYS A 356 22.01 13.63 -20.50
C LYS A 356 21.74 13.58 -19.01
N ARG A 357 21.68 14.74 -18.37
CA ARG A 357 21.57 14.82 -16.93
C ARG A 357 21.17 16.24 -16.55
N LEU A 358 20.24 16.33 -15.61
CA LEU A 358 19.78 17.59 -15.07
C LEU A 358 19.75 17.47 -13.56
N GLU A 359 20.32 18.45 -12.87
CA GLU A 359 20.20 18.56 -11.42
C GLU A 359 19.58 19.92 -11.09
N VAL A 360 18.53 19.90 -10.27
CA VAL A 360 17.84 21.10 -9.83
C VAL A 360 17.93 21.14 -8.32
N ARG A 361 18.57 22.19 -7.79
CA ARG A 361 18.73 22.38 -6.35
C ARG A 361 17.88 23.56 -5.92
N LYS A 362 17.19 23.41 -4.80
CA LYS A 362 16.44 24.55 -4.27
C LYS A 362 16.43 24.46 -2.76
N THR A 363 16.76 25.56 -2.10
CA THR A 363 16.64 25.66 -0.66
C THR A 363 15.27 26.22 -0.30
N VAL A 364 14.54 25.50 0.53
CA VAL A 364 13.17 25.88 0.85
C VAL A 364 13.04 26.16 2.34
N THR A 365 12.02 26.95 2.69
CA THR A 365 11.72 27.20 4.09
C THR A 365 10.50 26.46 4.58
N ALA A 366 9.81 25.70 3.72
CA ALA A 366 8.67 24.87 4.09
C ALA A 366 7.60 25.68 4.82
N CYS A 367 7.26 26.82 4.21
CA CYS A 367 6.15 27.68 4.64
C CYS A 367 6.38 28.24 6.04
N LEU A 368 7.63 28.55 6.33
CA LEU A 368 7.99 29.25 7.55
C LEU A 368 7.14 30.50 7.74
N GLY A 369 6.67 30.68 8.97
CA GLY A 369 5.90 31.84 9.34
C GLY A 369 4.43 31.77 8.98
N GLU A 370 3.98 30.68 8.38
CA GLU A 370 2.63 30.50 7.88
C GLU A 370 1.93 29.35 8.60
N PRO A 371 0.59 29.29 8.53
CA PRO A 371 -0.12 28.18 9.22
C PRO A 371 0.18 26.82 8.65
N ASN A 372 0.74 26.74 7.43
CA ASN A 372 1.10 25.45 6.86
C ASN A 372 2.60 25.16 6.96
N HIS A 373 3.30 25.86 7.84
CA HIS A 373 4.67 25.51 8.17
C HIS A 373 4.78 24.04 8.57
N ILE A 374 5.71 23.33 7.95
CA ILE A 374 5.94 21.92 8.24
C ILE A 374 7.35 21.73 8.77
N THR A 375 7.45 21.21 10.00
CA THR A 375 8.73 20.75 10.52
C THR A 375 8.81 19.23 10.63
N ARG A 376 7.69 18.53 10.45
CA ARG A 376 7.62 17.06 10.55
C ARG A 376 6.94 16.57 9.28
N LEU A 377 7.72 16.08 8.32
CA LEU A 377 7.16 15.63 7.06
C LEU A 377 6.39 14.33 7.22
N GLU A 378 5.33 14.17 6.42
CA GLU A 378 4.71 12.86 6.17
C GLU A 378 5.13 12.47 4.76
N HIS A 379 4.21 12.52 3.80
CA HIS A 379 4.49 12.31 2.39
C HIS A 379 5.11 13.56 1.79
N ALA A 380 6.00 13.35 0.82
CA ALA A 380 6.44 14.42 -0.07
C ALA A 380 6.20 14.00 -1.52
N GLN A 381 5.81 14.96 -2.35
CA GLN A 381 5.62 14.74 -3.77
C GLN A 381 6.48 15.68 -4.57
N ALA A 382 7.05 15.17 -5.63
CA ALA A 382 7.64 15.98 -6.69
C ALA A 382 6.67 15.86 -7.87
N ARG A 383 5.87 16.89 -8.10
CA ARG A 383 4.91 16.91 -9.20
C ARG A 383 5.63 17.47 -10.42
N LEU A 384 5.89 16.60 -11.38
CA LEU A 384 6.76 16.94 -12.49
C LEU A 384 5.99 16.98 -13.80
N THR A 385 6.25 18.01 -14.59
CA THR A 385 5.78 18.09 -15.97
C THR A 385 7.01 18.16 -16.85
N LEU A 386 7.17 17.19 -17.74
CA LEU A 386 8.35 17.16 -18.60
C LEU A 386 8.02 16.44 -19.90
N SER A 387 8.75 16.81 -20.94
CA SER A 387 8.75 16.11 -22.21
C SER A 387 10.04 15.30 -22.32
N TYR A 388 9.95 14.18 -23.03
CA TYR A 388 11.13 13.35 -23.30
C TYR A 388 10.81 12.41 -24.44
N ASN A 389 11.82 12.06 -25.22
CA ASN A 389 11.55 11.24 -26.39
C ASN A 389 11.38 9.75 -26.07
N ARG A 390 11.98 9.26 -24.97
CA ARG A 390 11.83 7.84 -24.60
C ARG A 390 11.79 7.77 -23.08
N ARG A 391 10.57 7.69 -22.54
CA ARG A 391 10.37 7.92 -21.11
C ARG A 391 11.12 6.93 -20.25
N GLY A 392 11.17 5.66 -20.66
CA GLY A 392 11.76 4.63 -19.84
C GLY A 392 13.26 4.70 -19.70
N ASP A 393 13.92 5.57 -20.47
CA ASP A 393 15.35 5.78 -20.27
C ASP A 393 15.63 6.72 -19.11
N LEU A 394 14.61 7.39 -18.57
CA LEU A 394 14.79 8.32 -17.47
C LEU A 394 14.90 7.60 -16.13
N ALA A 395 15.83 8.09 -15.30
CA ALA A 395 15.83 7.81 -13.87
C ALA A 395 15.76 9.13 -13.13
N ILE A 396 14.92 9.17 -12.08
CA ILE A 396 14.67 10.40 -11.34
C ILE A 396 14.87 10.14 -9.86
N HIS A 397 15.68 10.97 -9.21
CA HIS A 397 15.91 10.89 -7.78
C HIS A 397 15.62 12.24 -7.13
N LEU A 398 15.18 12.18 -5.88
CA LEU A 398 14.92 13.35 -5.05
C LEU A 398 15.66 13.18 -3.73
N VAL A 399 16.48 14.16 -3.37
CA VAL A 399 17.26 14.10 -2.14
C VAL A 399 16.71 15.15 -1.18
N SER A 400 16.39 14.73 0.04
CA SER A 400 15.87 15.63 1.06
C SER A 400 17.00 16.38 1.75
N PRO A 401 16.67 17.45 2.48
CA PRO A 401 17.71 18.19 3.23
C PRO A 401 18.46 17.33 4.23
N MET A 402 17.86 16.26 4.72
N MET A 402 17.85 16.28 4.76
CA MET A 402 18.52 15.36 5.65
CA MET A 402 18.53 15.38 5.67
C MET A 402 19.36 14.32 4.94
C MET A 402 19.23 14.24 4.94
N GLY A 403 19.41 14.36 3.62
CA GLY A 403 20.28 13.48 2.87
C GLY A 403 19.66 12.19 2.39
N THR A 404 18.34 12.06 2.47
CA THR A 404 17.67 10.82 2.10
C THR A 404 17.36 10.84 0.61
N ARG A 405 17.92 9.90 -0.12
CA ARG A 405 17.80 9.84 -1.56
C ARG A 405 16.65 8.90 -1.90
N SER A 406 15.57 9.46 -2.42
CA SER A 406 14.43 8.69 -2.88
C SER A 406 14.54 8.49 -4.37
N THR A 407 14.41 7.24 -4.82
CA THR A 407 14.25 6.97 -6.25
C THR A 407 12.79 7.20 -6.63
N LEU A 408 12.51 8.31 -7.30
CA LEU A 408 11.16 8.55 -7.77
C LEU A 408 10.81 7.72 -9.00
N LEU A 409 11.80 7.44 -9.84
CA LEU A 409 11.58 6.66 -11.06
C LEU A 409 12.87 5.97 -11.41
N ALA A 410 12.86 4.65 -11.49
CA ALA A 410 13.98 3.91 -12.03
C ALA A 410 13.73 3.66 -13.52
N ALA A 411 14.80 3.32 -14.24
CA ALA A 411 14.66 3.03 -15.66
C ALA A 411 13.63 1.93 -15.91
N ARG A 412 12.83 2.10 -16.95
CA ARG A 412 11.81 1.11 -17.34
C ARG A 412 12.08 0.72 -18.79
N PRO A 413 12.75 -0.40 -19.02
CA PRO A 413 13.21 -0.73 -20.38
C PRO A 413 12.10 -0.84 -21.41
N HIS A 414 10.89 -1.19 -20.98
CA HIS A 414 9.79 -1.37 -21.92
C HIS A 414 9.02 -0.10 -22.20
N ASP A 415 9.31 0.98 -21.50
CA ASP A 415 8.55 2.23 -21.64
C ASP A 415 9.18 3.07 -22.73
N TYR A 416 8.68 2.88 -23.96
CA TYR A 416 9.13 3.62 -25.13
C TYR A 416 8.36 4.93 -25.33
N SER A 417 7.46 5.29 -24.40
CA SER A 417 6.55 6.40 -24.63
C SER A 417 7.28 7.71 -24.90
N ALA A 418 6.73 8.50 -25.83
CA ALA A 418 7.17 9.87 -26.05
C ALA A 418 6.25 10.89 -25.37
N ASP A 419 5.36 10.43 -24.49
CA ASP A 419 4.36 11.32 -23.91
C ASP A 419 4.80 11.98 -22.60
N GLY A 420 5.96 11.63 -22.06
CA GLY A 420 6.46 12.35 -20.90
C GLY A 420 5.58 12.18 -19.67
N PHE A 421 5.70 13.15 -18.75
CA PHE A 421 4.89 13.19 -17.54
C PHE A 421 4.14 14.51 -17.50
N ASN A 422 2.85 14.43 -17.21
CA ASN A 422 1.98 15.60 -17.21
C ASN A 422 1.52 15.83 -15.78
N ASP A 423 2.29 16.64 -15.06
CA ASP A 423 2.05 16.94 -13.65
C ASP A 423 1.86 15.65 -12.85
N TRP A 424 2.79 14.71 -13.04
CA TRP A 424 2.71 13.44 -12.34
C TRP A 424 3.33 13.59 -10.95
N ALA A 425 2.57 13.20 -9.92
CA ALA A 425 2.94 13.49 -8.54
C ALA A 425 3.70 12.33 -7.89
N PHE A 426 4.95 12.16 -8.32
CA PHE A 426 5.83 11.14 -7.76
C PHE A 426 5.91 11.32 -6.25
N MET A 427 5.67 10.25 -5.49
CA MET A 427 5.58 10.36 -4.04
C MET A 427 6.65 9.51 -3.34
N THR A 428 7.20 10.06 -2.26
CA THR A 428 8.06 9.28 -1.39
C THR A 428 7.59 9.30 0.06
N THR A 429 7.68 8.12 0.69
CA THR A 429 7.47 7.92 2.11
C THR A 429 8.77 7.93 2.89
N HIS A 430 9.91 8.00 2.21
CA HIS A 430 11.19 7.70 2.84
C HIS A 430 11.71 8.83 3.73
N SER A 431 11.12 10.02 3.67
CA SER A 431 11.55 11.15 4.48
C SER A 431 10.55 11.46 5.59
N TRP A 432 9.65 10.51 5.85
CA TRP A 432 8.70 10.62 6.94
C TRP A 432 9.38 11.01 8.25
N ASP A 433 8.83 12.01 8.91
CA ASP A 433 9.24 12.59 10.19
C ASP A 433 10.50 13.47 10.09
N GLU A 434 11.10 13.63 8.91
CA GLU A 434 12.20 14.56 8.74
C GLU A 434 11.71 16.00 8.72
N ASP A 435 12.61 16.91 9.07
CA ASP A 435 12.39 18.34 8.86
C ASP A 435 12.68 18.67 7.40
N PRO A 436 11.70 19.15 6.63
CA PRO A 436 11.94 19.41 5.21
C PRO A 436 12.54 20.76 4.87
N SER A 437 12.92 21.55 5.86
CA SER A 437 13.59 22.82 5.59
C SER A 437 15.01 22.56 5.09
N GLY A 438 15.42 23.35 4.09
CA GLY A 438 16.78 23.22 3.58
C GLY A 438 16.83 22.85 2.11
N GLU A 439 17.96 22.30 1.67
CA GLU A 439 18.18 22.06 0.25
C GLU A 439 17.58 20.74 -0.19
N TRP A 440 16.67 20.80 -1.16
CA TRP A 440 16.19 19.64 -1.89
C TRP A 440 16.89 19.58 -3.24
N VAL A 441 17.19 18.36 -3.70
CA VAL A 441 17.84 18.17 -4.99
C VAL A 441 17.02 17.18 -5.82
N LEU A 442 16.68 17.59 -7.04
CA LEU A 442 16.06 16.70 -8.01
C LEU A 442 17.09 16.37 -9.09
N GLU A 443 17.25 15.07 -9.36
CA GLU A 443 18.17 14.59 -10.38
C GLU A 443 17.36 13.86 -11.44
N ILE A 444 17.54 14.23 -12.70
CA ILE A 444 16.92 13.52 -13.82
C ILE A 444 18.05 13.11 -14.75
N GLU A 445 18.15 11.81 -15.04
CA GLU A 445 19.25 11.35 -15.88
C GLU A 445 18.76 10.40 -16.96
N ASN A 446 19.45 10.46 -18.10
CA ASN A 446 19.30 9.51 -19.19
C ASN A 446 20.19 8.31 -18.87
N THR A 447 19.57 7.16 -18.60
CA THR A 447 20.31 5.94 -18.24
C THR A 447 20.79 5.17 -19.46
N SER A 448 20.48 5.64 -20.66
N SER A 448 20.47 5.65 -20.66
CA SER A 448 20.89 4.97 -21.88
CA SER A 448 20.85 5.00 -21.92
C SER A 448 21.99 5.76 -22.57
C SER A 448 21.98 5.77 -22.58
N GLU A 449 22.59 5.13 -23.58
CA GLU A 449 23.60 5.76 -24.41
C GLU A 449 23.00 6.56 -25.55
N ALA A 450 21.68 6.51 -25.74
CA ALA A 450 21.05 7.20 -26.85
C ALA A 450 21.06 8.70 -26.63
N ASN A 451 21.01 9.46 -27.73
CA ASN A 451 21.01 10.91 -27.65
C ASN A 451 19.57 11.37 -27.48
N ASN A 452 19.06 11.20 -26.27
CA ASN A 452 17.69 11.56 -25.96
C ASN A 452 17.58 13.05 -25.63
N TYR A 453 16.34 13.53 -25.60
CA TYR A 453 16.11 14.97 -25.46
C TYR A 453 14.75 15.26 -24.87
N GLY A 454 14.68 16.36 -24.13
CA GLY A 454 13.42 16.79 -23.56
C GLY A 454 13.64 17.96 -22.63
N THR A 455 12.55 18.39 -21.99
CA THR A 455 12.53 19.60 -21.19
C THR A 455 11.66 19.39 -19.96
N LEU A 456 12.18 19.80 -18.80
CA LEU A 456 11.41 19.87 -17.57
C LEU A 456 10.78 21.26 -17.50
N THR A 457 9.45 21.31 -17.50
CA THR A 457 8.78 22.61 -17.51
C THR A 457 8.12 22.98 -16.19
N LYS A 458 7.90 22.02 -15.29
N LYS A 458 7.89 22.01 -15.29
CA LYS A 458 7.32 22.33 -13.99
CA LYS A 458 7.32 22.32 -13.99
C LYS A 458 7.77 21.30 -12.97
C LYS A 458 7.78 21.29 -12.97
N PHE A 459 8.14 21.79 -11.78
CA PHE A 459 8.51 20.95 -10.65
C PHE A 459 7.89 21.63 -9.43
N THR A 460 6.78 21.06 -8.94
CA THR A 460 6.16 21.50 -7.70
C THR A 460 6.56 20.52 -6.61
N LEU A 461 7.22 21.02 -5.57
CA LEU A 461 7.50 20.23 -4.39
C LEU A 461 6.32 20.42 -3.45
N VAL A 462 5.60 19.34 -3.15
CA VAL A 462 4.45 19.39 -2.26
C VAL A 462 4.79 18.59 -1.02
N LEU A 463 4.76 19.29 0.11
CA LEU A 463 5.10 18.73 1.41
C LEU A 463 3.82 18.62 2.23
N TYR A 464 3.62 17.45 2.83
CA TYR A 464 2.55 17.26 3.79
C TYR A 464 3.15 16.96 5.16
N GLY A 465 2.45 17.37 6.21
CA GLY A 465 2.92 17.03 7.54
C GLY A 465 2.41 17.99 8.61
N THR A 466 3.16 18.05 9.70
CA THR A 466 2.76 18.84 10.85
C THR A 466 3.96 19.63 11.36
N ALA A 467 3.79 20.28 12.51
CA ALA A 467 4.86 21.04 13.13
C ALA A 467 4.97 20.75 14.62
N SER A 468 4.65 19.53 15.03
CA SER A 468 4.71 19.22 16.44
C SER A 468 4.78 17.71 16.63
N GLY A 469 5.35 17.31 17.76
CA GLY A 469 5.21 15.95 18.24
C GLY A 469 6.30 14.96 17.90
N SER A 470 7.48 15.42 17.46
CA SER A 470 8.51 14.48 17.03
C SER A 470 9.03 13.63 18.18
N LEU A 471 9.45 12.41 17.84
CA LEU A 471 10.19 11.52 18.72
C LEU A 471 11.69 11.78 18.57
N VAL A 472 12.45 11.37 19.58
CA VAL A 472 13.91 11.32 19.40
C VAL A 472 14.22 10.34 18.26
N PRO A 473 15.12 10.68 17.33
CA PRO A 473 15.42 9.76 16.22
C PRO A 473 15.88 8.40 16.73
N ARG A 474 15.52 7.38 15.95
CA ARG A 474 15.83 5.99 16.28
C ARG A 474 17.33 5.76 16.48
N ARG B 2 -7.56 -2.43 -16.09
CA ARG B 2 -7.34 -2.71 -14.65
C ARG B 2 -7.17 -4.23 -14.55
N LYS B 4 -5.95 -7.79 -12.22
CA LYS B 4 -5.83 -8.44 -10.90
C LYS B 4 -4.34 -8.59 -10.62
#